data_4M5M
#
_entry.id   4M5M
#
_cell.length_a   35.942
_cell.length_b   57.862
_cell.length_c   38.686
_cell.angle_alpha   90.00
_cell.angle_beta   115.64
_cell.angle_gamma   90.00
#
_symmetry.space_group_name_H-M   'P 1 21 1'
#
loop_
_entity.id
_entity.type
_entity.pdbx_description
1 polymer '2-amino-4-hydroxy-6-hydroxymethyldihydropteridine pyrophosphokinase'
2 non-polymer 2-amino-1,9-dihydro-6H-purine-6-thione
3 non-polymer 'DIPHOSPHOMETHYLPHOSPHONIC ACID ADENOSYL ESTER'
4 non-polymer 'CALCIUM ION'
5 non-polymer GLYCEROL
6 water water
#
_entity_poly.entity_id   1
_entity_poly.type   'polypeptide(L)'
_entity_poly.pdbx_seq_one_letter_code
;GSHMTVAYIAIGSNLASPLEQVNAALKALGDIPESHILTVSSFYRTPPLGPQDQPDYLNAAVALETSLAPEELLNHTQRI
ELQQGRVRKAERWGPRTLDLDIMLFGNEVINTERLTVPHYDMKNRGFMLWPLFEIAPELVFPDGEMLRQILHTRAFDKLN
KW
;
_entity_poly.pdbx_strand_id   A
#
loop_
_chem_comp.id
_chem_comp.type
_chem_comp.name
_chem_comp.formula
APC non-polymer 'DIPHOSPHOMETHYLPHOSPHONIC ACID ADENOSYL ESTER' 'C11 H18 N5 O12 P3'
CA non-polymer 'CALCIUM ION' 'Ca 2'
DX4 non-polymer 2-amino-1,9-dihydro-6H-purine-6-thione 'C5 H5 N5 S'
GOL non-polymer GLYCEROL 'C3 H8 O3'
#
# COMPACT_ATOMS: atom_id res chain seq x y z
N MET A 4 -12.37 -8.09 14.57
CA MET A 4 -11.63 -7.26 13.64
C MET A 4 -10.82 -8.09 12.62
N THR A 5 -10.54 -7.45 11.49
CA THR A 5 -9.82 -8.05 10.38
C THR A 5 -8.52 -7.28 10.21
N VAL A 6 -7.43 -7.96 9.82
CA VAL A 6 -6.21 -7.22 9.53
C VAL A 6 -6.14 -6.93 8.03
N ALA A 7 -6.14 -5.65 7.71
CA ALA A 7 -5.94 -5.18 6.35
C ALA A 7 -4.48 -4.78 6.18
N TYR A 8 -3.98 -4.90 4.97
CA TYR A 8 -2.63 -4.46 4.65
C TYR A 8 -2.69 -3.43 3.55
N ILE A 9 -2.12 -2.26 3.82
CA ILE A 9 -2.20 -1.12 2.93
C ILE A 9 -0.81 -0.77 2.43
N ALA A 10 -0.68 -0.62 1.11
CA ALA A 10 0.55 -0.18 0.47
C ALA A 10 0.53 1.33 0.35
N ILE A 11 1.64 1.97 0.72
CA ILE A 11 1.77 3.41 0.67
C ILE A 11 2.82 3.79 -0.36
N GLY A 12 2.54 4.79 -1.19
CA GLY A 12 3.50 5.30 -2.15
C GLY A 12 3.38 6.82 -2.29
N SER A 13 4.51 7.49 -2.58
CA SER A 13 4.53 8.93 -2.84
C SER A 13 5.76 9.26 -3.66
N ASN A 14 5.63 10.12 -4.66
CA ASN A 14 6.82 10.64 -5.34
C ASN A 14 6.76 12.15 -5.62
N LEU A 15 5.84 12.86 -4.97
CA LEU A 15 5.71 14.31 -5.15
C LEU A 15 5.61 15.01 -3.80
N ALA A 16 6.04 16.28 -3.79
CA ALA A 16 5.85 17.19 -2.67
C ALA A 16 6.42 16.65 -1.35
N SER A 17 7.69 16.23 -1.42
CA SER A 17 8.43 15.67 -0.28
CA SER A 17 8.44 15.66 -0.30
C SER A 17 7.84 14.36 0.21
N PRO A 18 8.14 13.24 -0.50
CA PRO A 18 7.57 11.94 -0.14
C PRO A 18 7.69 11.54 1.34
N LEU A 19 8.80 11.84 1.99
CA LEU A 19 8.94 11.47 3.40
C LEU A 19 7.89 12.20 4.24
N GLU A 20 7.68 13.47 3.95
CA GLU A 20 6.66 14.24 4.67
C GLU A 20 5.24 13.75 4.36
N GLN A 21 4.98 13.43 3.09
CA GLN A 21 3.68 12.89 2.69
C GLN A 21 3.37 11.58 3.42
N VAL A 22 4.35 10.69 3.48
CA VAL A 22 4.15 9.39 4.10
C VAL A 22 3.98 9.50 5.62
N ASN A 23 4.80 10.32 6.28
CA ASN A 23 4.61 10.55 7.71
C ASN A 23 3.25 11.17 8.01
N ALA A 24 2.82 12.10 7.18
CA ALA A 24 1.49 12.67 7.35
C ALA A 24 0.40 11.62 7.14
N ALA A 25 0.58 10.74 6.15
CA ALA A 25 -0.41 9.71 5.88
C ALA A 25 -0.52 8.74 7.06
N LEU A 26 0.60 8.44 7.69
CA LEU A 26 0.61 7.54 8.83
C LEU A 26 -0.19 8.14 9.99
N LYS A 27 -0.02 9.43 10.22
CA LYS A 27 -0.80 10.08 11.26
C LYS A 27 -2.30 10.04 10.89
N ALA A 28 -2.63 10.27 9.62
CA ALA A 28 -4.03 10.22 9.19
C ALA A 28 -4.61 8.82 9.30
N LEU A 29 -3.81 7.80 8.97
CA LEU A 29 -4.26 6.41 9.12
C LEU A 29 -4.63 6.10 10.57
N GLY A 30 -3.91 6.73 11.51
CA GLY A 30 -4.19 6.55 12.93
C GLY A 30 -5.55 7.07 13.34
N ASP A 31 -6.11 8.00 12.56
CA ASP A 31 -7.40 8.61 12.88
C ASP A 31 -8.59 7.95 12.19
N ILE A 32 -8.34 6.89 11.42
CA ILE A 32 -9.43 6.14 10.81
C ILE A 32 -10.20 5.44 11.93
N PRO A 33 -11.54 5.58 11.93
CA PRO A 33 -12.34 4.97 13.01
C PRO A 33 -12.44 3.45 12.90
N GLU A 34 -12.76 2.82 14.03
CA GLU A 34 -12.92 1.38 14.13
C GLU A 34 -11.66 0.64 13.68
N SER A 35 -10.51 1.27 13.85
CA SER A 35 -9.26 0.75 13.28
C SER A 35 -8.05 1.12 14.12
N HIS A 36 -7.03 0.26 14.11
CA HIS A 36 -5.76 0.54 14.79
C HIS A 36 -4.59 0.08 13.94
N ILE A 37 -3.58 0.93 13.81
CA ILE A 37 -2.35 0.53 13.12
C ILE A 37 -1.64 -0.52 13.99
N LEU A 38 -1.27 -1.65 13.39
CA LEU A 38 -0.50 -2.68 14.09
C LEU A 38 1.00 -2.61 13.86
N THR A 39 1.40 -2.28 12.63
CA THR A 39 2.80 -2.34 12.25
C THR A 39 3.07 -1.44 11.06
N VAL A 40 4.19 -0.72 11.10
CA VAL A 40 4.64 0.11 10.00
C VAL A 40 5.96 -0.44 9.46
N SER A 41 6.06 -0.61 8.14
CA SER A 41 7.30 -1.09 7.53
C SER A 41 8.37 0.00 7.49
N SER A 42 9.58 -0.39 7.09
CA SER A 42 10.58 0.58 6.68
C SER A 42 10.11 1.30 5.42
N PHE A 43 10.77 2.41 5.12
CA PHE A 43 10.51 3.20 3.92
C PHE A 43 11.57 2.83 2.88
N TYR A 44 11.14 2.60 1.63
CA TYR A 44 12.03 2.15 0.57
C TYR A 44 12.01 3.10 -0.62
N ARG A 45 13.19 3.40 -1.17
CA ARG A 45 13.29 4.25 -2.36
C ARG A 45 13.22 3.37 -3.60
N THR A 46 12.18 3.56 -4.41
CA THR A 46 11.86 2.61 -5.46
C THR A 46 11.76 3.28 -6.83
N PRO A 47 12.37 2.69 -7.85
CA PRO A 47 12.24 3.24 -9.20
C PRO A 47 10.79 3.17 -9.67
N PRO A 48 10.38 4.12 -10.52
CA PRO A 48 8.97 4.17 -10.93
C PRO A 48 8.52 3.03 -11.86
N LEU A 49 7.37 2.45 -11.52
CA LEU A 49 6.61 1.54 -12.37
C LEU A 49 5.77 2.35 -13.36
N GLY A 50 5.59 1.82 -14.56
CA GLY A 50 4.89 2.56 -15.61
C GLY A 50 5.83 3.54 -16.27
N PRO A 51 5.40 4.80 -16.45
CA PRO A 51 6.30 5.78 -17.03
C PRO A 51 7.50 6.03 -16.10
N GLN A 52 8.67 6.18 -16.71
CA GLN A 52 9.90 6.34 -15.97
C GLN A 52 10.38 7.79 -15.94
N ASP A 53 9.67 8.65 -16.66
CA ASP A 53 9.94 10.09 -16.62
C ASP A 53 9.22 10.74 -15.43
N GLN A 54 9.53 10.26 -14.23
CA GLN A 54 8.97 10.82 -12.99
C GLN A 54 9.96 10.47 -11.87
N PRO A 55 9.87 11.17 -10.73
CA PRO A 55 10.80 10.88 -9.63
C PRO A 55 10.62 9.48 -9.01
N ASP A 56 11.66 9.00 -8.35
CA ASP A 56 11.57 7.77 -7.57
C ASP A 56 10.51 7.90 -6.47
N TYR A 57 9.93 6.77 -6.10
CA TYR A 57 8.91 6.73 -5.06
C TYR A 57 9.48 6.35 -3.71
N LEU A 58 8.82 6.81 -2.66
CA LEU A 58 8.93 6.19 -1.34
C LEU A 58 7.79 5.18 -1.28
N ASN A 59 8.10 3.92 -1.05
CA ASN A 59 7.09 2.88 -0.89
C ASN A 59 7.22 2.21 0.47
N ALA A 60 6.08 1.86 1.05
CA ALA A 60 6.01 1.24 2.38
C ALA A 60 4.72 0.45 2.49
N ALA A 61 4.52 -0.17 3.64
CA ALA A 61 3.31 -0.93 3.92
C ALA A 61 2.94 -0.79 5.38
N VAL A 62 1.63 -0.87 5.65
CA VAL A 62 1.14 -0.88 7.02
CA VAL A 62 1.10 -0.82 6.99
C VAL A 62 0.08 -1.94 7.22
N ALA A 63 0.08 -2.52 8.42
CA ALA A 63 -0.93 -3.46 8.85
C ALA A 63 -1.92 -2.68 9.71
N LEU A 64 -3.19 -2.76 9.37
CA LEU A 64 -4.25 -2.02 10.05
C LEU A 64 -5.37 -2.96 10.43
N GLU A 65 -5.57 -3.16 11.73
CA GLU A 65 -6.70 -3.98 12.15
CA GLU A 65 -6.68 -3.96 12.26
C GLU A 65 -7.95 -3.11 12.16
N THR A 66 -9.05 -3.68 11.70
CA THR A 66 -10.26 -2.87 11.52
C THR A 66 -11.55 -3.67 11.62
N SER A 67 -12.62 -3.00 12.06
CA SER A 67 -13.96 -3.58 11.99
C SER A 67 -14.80 -2.85 10.92
N LEU A 68 -14.17 -1.98 10.14
CA LEU A 68 -14.86 -1.34 9.03
C LEU A 68 -15.15 -2.36 7.94
N ALA A 69 -16.21 -2.13 7.18
CA ALA A 69 -16.41 -2.85 5.92
C ALA A 69 -15.28 -2.46 4.96
N PRO A 70 -14.91 -3.37 4.05
CA PRO A 70 -13.84 -3.09 3.08
C PRO A 70 -14.02 -1.78 2.31
N GLU A 71 -15.22 -1.50 1.82
CA GLU A 71 -15.43 -0.25 1.08
C GLU A 71 -15.42 0.97 1.98
N GLU A 72 -15.77 0.77 3.26
CA GLU A 72 -15.64 1.84 4.24
C GLU A 72 -14.18 2.19 4.48
N LEU A 73 -13.31 1.19 4.51
CA LEU A 73 -11.89 1.47 4.64
C LEU A 73 -11.42 2.25 3.41
N LEU A 74 -11.86 1.82 2.23
CA LEU A 74 -11.54 2.54 0.99
C LEU A 74 -12.01 3.99 1.03
N ASN A 75 -13.18 4.25 1.64
CA ASN A 75 -13.64 5.62 1.75
C ASN A 75 -12.61 6.49 2.47
N HIS A 76 -12.06 5.95 3.55
CA HIS A 76 -11.07 6.68 4.33
C HIS A 76 -9.74 6.82 3.62
N THR A 77 -9.28 5.77 2.94
CA THR A 77 -7.99 5.90 2.26
C THR A 77 -8.07 6.90 1.11
N GLN A 78 -9.19 6.91 0.39
CA GLN A 78 -9.38 7.89 -0.67
C GLN A 78 -9.47 9.31 -0.10
N ARG A 79 -10.19 9.46 1.00
CA ARG A 79 -10.28 10.75 1.66
C ARG A 79 -8.91 11.30 2.02
N ILE A 80 -8.07 10.45 2.60
CA ILE A 80 -6.73 10.86 3.02
C ILE A 80 -5.89 11.28 1.81
N GLU A 81 -5.93 10.49 0.74
CA GLU A 81 -5.25 10.88 -0.49
C GLU A 81 -5.68 12.27 -0.97
N LEU A 82 -6.99 12.48 -1.07
CA LEU A 82 -7.53 13.76 -1.53
C LEU A 82 -7.17 14.91 -0.60
N GLN A 83 -7.19 14.67 0.70
CA GLN A 83 -6.85 15.70 1.66
C GLN A 83 -5.35 16.02 1.67
N GLN A 84 -4.55 15.13 1.11
CA GLN A 84 -3.11 15.39 0.93
C GLN A 84 -2.80 15.85 -0.48
N GLY A 85 -3.81 16.46 -1.09
CA GLY A 85 -3.61 17.21 -2.30
C GLY A 85 -3.45 16.39 -3.56
N ARG A 86 -3.83 15.12 -3.51
CA ARG A 86 -3.79 14.29 -4.70
C ARG A 86 -4.75 14.81 -5.77
N VAL A 87 -4.21 15.06 -6.96
CA VAL A 87 -5.02 15.53 -8.08
C VAL A 87 -4.89 14.57 -9.27
N ARG A 88 -6.03 14.16 -9.81
CA ARG A 88 -6.07 13.23 -10.92
CA ARG A 88 -6.06 13.22 -10.92
C ARG A 88 -5.60 13.86 -12.23
N LYS A 89 -4.60 13.25 -12.85
CA LYS A 89 -4.12 13.63 -14.17
C LYS A 89 -4.42 12.49 -15.13
N ALA A 90 -4.32 12.75 -16.42
CA ALA A 90 -4.63 11.73 -17.43
C ALA A 90 -3.65 10.56 -17.46
N GLU A 91 -2.38 10.84 -17.15
CA GLU A 91 -1.30 9.86 -17.33
C GLU A 91 -1.42 8.59 -16.48
N ARG A 92 -1.45 7.43 -17.13
CA ARG A 92 -1.49 6.18 -16.40
C ARG A 92 -0.21 5.98 -15.59
N TRP A 93 -0.38 5.62 -14.33
CA TRP A 93 0.74 5.38 -13.42
C TRP A 93 1.69 6.58 -13.26
N GLY A 94 1.15 7.77 -13.46
CA GLY A 94 1.92 8.99 -13.32
C GLY A 94 2.16 9.40 -11.88
N PRO A 95 2.88 10.50 -11.67
CA PRO A 95 3.30 10.91 -10.32
C PRO A 95 2.13 11.32 -9.44
N ARG A 96 2.35 11.23 -8.13
CA ARG A 96 1.29 11.48 -7.17
C ARG A 96 1.84 11.83 -5.79
N THR A 97 1.12 12.68 -5.07
CA THR A 97 1.49 13.01 -3.70
C THR A 97 1.33 11.82 -2.75
N LEU A 98 0.30 11.01 -2.98
CA LEU A 98 0.03 9.88 -2.09
C LEU A 98 -0.80 8.83 -2.81
N ASP A 99 -0.42 7.56 -2.64
CA ASP A 99 -1.19 6.41 -3.11
C ASP A 99 -1.37 5.47 -1.92
N LEU A 100 -2.62 5.12 -1.63
CA LEU A 100 -2.96 4.15 -0.59
C LEU A 100 -3.76 3.02 -1.25
N ASP A 101 -3.11 1.88 -1.46
CA ASP A 101 -3.79 0.75 -2.08
C ASP A 101 -4.11 -0.28 -1.00
N ILE A 102 -5.32 -0.81 -1.02
CA ILE A 102 -5.63 -1.92 -0.12
C ILE A 102 -5.14 -3.21 -0.75
N MET A 103 -4.06 -3.78 -0.22
CA MET A 103 -3.47 -4.99 -0.78
C MET A 103 -4.29 -6.22 -0.42
N LEU A 104 -4.65 -6.32 0.86
CA LEU A 104 -5.34 -7.47 1.42
C LEU A 104 -6.29 -6.99 2.50
N PHE A 105 -7.41 -7.69 2.64
CA PHE A 105 -8.37 -7.41 3.68
C PHE A 105 -8.69 -8.76 4.31
N GLY A 106 -7.91 -9.12 5.32
CA GLY A 106 -7.94 -10.48 5.85
C GLY A 106 -7.78 -11.47 4.71
N ASN A 107 -8.57 -12.53 4.75
CA ASN A 107 -8.58 -13.53 3.69
C ASN A 107 -9.69 -13.27 2.66
N GLU A 108 -10.28 -12.08 2.70
CA GLU A 108 -11.44 -11.81 1.84
C GLU A 108 -11.04 -11.60 0.38
N VAL A 109 -11.89 -12.10 -0.51
CA VAL A 109 -11.75 -11.83 -1.93
C VAL A 109 -12.90 -10.92 -2.33
N ILE A 110 -12.57 -9.70 -2.71
CA ILE A 110 -13.57 -8.66 -2.93
C ILE A 110 -13.52 -8.20 -4.38
N ASN A 111 -14.69 -8.13 -4.99
CA ASN A 111 -14.83 -7.67 -6.36
C ASN A 111 -16.06 -6.82 -6.49
N THR A 112 -15.98 -5.57 -6.03
CA THR A 112 -17.10 -4.64 -6.17
C THR A 112 -16.77 -3.65 -7.26
N GLU A 113 -17.67 -2.71 -7.49
CA GLU A 113 -17.43 -1.68 -8.49
C GLU A 113 -16.23 -0.79 -8.17
N ARG A 114 -15.97 -0.58 -6.87
CA ARG A 114 -14.92 0.35 -6.45
C ARG A 114 -13.65 -0.33 -5.96
N LEU A 115 -13.73 -1.63 -5.68
CA LEU A 115 -12.69 -2.30 -4.90
C LEU A 115 -12.42 -3.72 -5.39
N THR A 116 -11.14 -4.01 -5.67
CA THR A 116 -10.69 -5.34 -6.02
C THR A 116 -9.54 -5.74 -5.10
N VAL A 117 -9.76 -6.79 -4.31
CA VAL A 117 -8.82 -7.29 -3.31
C VAL A 117 -8.78 -8.82 -3.42
N PRO A 118 -7.59 -9.44 -3.38
CA PRO A 118 -6.25 -8.86 -3.29
C PRO A 118 -5.93 -7.91 -4.44
N HIS A 119 -5.05 -6.95 -4.19
CA HIS A 119 -4.59 -6.08 -5.25
C HIS A 119 -4.12 -6.92 -6.44
N TYR A 120 -4.58 -6.57 -7.64
CA TYR A 120 -4.44 -7.44 -8.80
C TYR A 120 -2.99 -7.74 -9.22
N ASP A 121 -2.06 -6.84 -8.88
CA ASP A 121 -0.70 -6.96 -9.39
C ASP A 121 0.34 -7.10 -8.27
N MET A 122 -0.10 -7.21 -7.03
CA MET A 122 0.84 -7.14 -5.92
C MET A 122 1.88 -8.27 -5.94
N LYS A 123 1.50 -9.45 -6.41
CA LYS A 123 2.41 -10.58 -6.43
C LYS A 123 3.53 -10.42 -7.45
N ASN A 124 3.47 -9.35 -8.24
CA ASN A 124 4.49 -9.05 -9.24
C ASN A 124 5.34 -7.83 -8.88
N ARG A 125 5.13 -7.28 -7.69
CA ARG A 125 5.78 -6.02 -7.33
C ARG A 125 6.60 -6.14 -6.04
N GLY A 126 7.92 -6.12 -6.17
CA GLY A 126 8.78 -6.13 -5.01
C GLY A 126 8.49 -4.99 -4.05
N PHE A 127 8.11 -3.83 -4.58
CA PHE A 127 7.86 -2.67 -3.72
C PHE A 127 6.57 -2.78 -2.89
N MET A 128 5.74 -3.77 -3.19
CA MET A 128 4.64 -4.15 -2.32
C MET A 128 5.01 -5.34 -1.44
N LEU A 129 5.62 -6.37 -2.02
CA LEU A 129 5.88 -7.61 -1.31
C LEU A 129 6.97 -7.53 -0.24
N TRP A 130 8.06 -6.82 -0.53
CA TRP A 130 9.13 -6.71 0.46
C TRP A 130 8.69 -5.98 1.76
N PRO A 131 8.04 -4.80 1.62
CA PRO A 131 7.59 -4.17 2.87
C PRO A 131 6.52 -5.01 3.60
N LEU A 132 5.69 -5.70 2.83
CA LEU A 132 4.73 -6.62 3.44
C LEU A 132 5.41 -7.75 4.22
N PHE A 133 6.46 -8.32 3.65
CA PHE A 133 7.20 -9.40 4.30
C PHE A 133 7.88 -8.89 5.57
N GLU A 134 8.32 -7.64 5.57
CA GLU A 134 8.95 -7.05 6.74
C GLU A 134 8.00 -7.00 7.93
N ILE A 135 6.73 -6.71 7.66
CA ILE A 135 5.75 -6.56 8.73
C ILE A 135 4.91 -7.81 9.00
N ALA A 136 4.87 -8.72 8.03
CA ALA A 136 4.06 -9.95 8.14
C ALA A 136 4.75 -11.14 7.46
N PRO A 137 5.89 -11.58 8.02
CA PRO A 137 6.66 -12.62 7.32
C PRO A 137 5.93 -13.95 7.18
N GLU A 138 4.94 -14.20 8.04
CA GLU A 138 4.21 -15.46 8.00
C GLU A 138 2.97 -15.42 7.12
N LEU A 139 2.78 -14.33 6.36
CA LEU A 139 1.56 -14.14 5.61
C LEU A 139 1.28 -15.23 4.57
N VAL A 140 0.02 -15.64 4.53
CA VAL A 140 -0.52 -16.55 3.53
C VAL A 140 -1.66 -15.82 2.81
N PHE A 141 -1.63 -15.87 1.48
CA PHE A 141 -2.65 -15.22 0.65
C PHE A 141 -3.97 -15.98 0.68
N PRO A 142 -5.08 -15.34 0.25
CA PRO A 142 -6.37 -16.03 0.20
C PRO A 142 -6.36 -17.31 -0.64
N ASP A 143 -5.50 -17.39 -1.65
CA ASP A 143 -5.38 -18.58 -2.49
C ASP A 143 -4.39 -19.61 -1.94
N GLY A 144 -3.92 -19.40 -0.71
CA GLY A 144 -3.04 -20.35 -0.08
C GLY A 144 -1.56 -20.15 -0.38
N GLU A 145 -1.24 -19.23 -1.29
CA GLU A 145 0.17 -19.02 -1.60
C GLU A 145 0.86 -18.32 -0.43
N MET A 146 2.08 -18.75 -0.13
CA MET A 146 2.84 -18.16 0.97
C MET A 146 3.72 -17.03 0.48
N LEU A 147 3.67 -15.91 1.19
CA LEU A 147 4.51 -14.76 0.85
C LEU A 147 6.00 -15.12 0.83
N ARG A 148 6.43 -15.91 1.80
CA ARG A 148 7.83 -16.31 1.86
C ARG A 148 8.23 -17.12 0.62
N GLN A 149 7.31 -17.93 0.11
CA GLN A 149 7.62 -18.78 -1.03
C GLN A 149 7.74 -17.95 -2.32
N ILE A 150 6.87 -16.97 -2.49
CA ILE A 150 6.94 -16.07 -3.63
C ILE A 150 8.29 -15.34 -3.65
N LEU A 151 8.69 -14.80 -2.51
CA LEU A 151 9.92 -14.04 -2.40
C LEU A 151 11.17 -14.92 -2.52
N HIS A 152 11.04 -16.20 -2.20
CA HIS A 152 12.15 -17.14 -2.34
C HIS A 152 12.34 -17.52 -3.80
N THR A 153 11.24 -17.67 -4.53
CA THR A 153 11.22 -18.25 -5.87
C THR A 153 11.36 -17.23 -6.99
N ARG A 154 10.75 -16.06 -6.84
CA ARG A 154 10.70 -15.14 -7.96
C ARG A 154 11.73 -14.02 -7.89
N ALA A 155 12.25 -13.66 -9.05
CA ALA A 155 13.28 -12.64 -9.12
C ALA A 155 12.63 -11.26 -9.05
N PHE A 156 12.96 -10.56 -7.98
CA PHE A 156 12.61 -9.15 -7.85
C PHE A 156 13.93 -8.44 -7.61
N ASP A 157 14.05 -7.22 -8.11
CA ASP A 157 15.25 -6.45 -7.88
C ASP A 157 15.39 -6.14 -6.40
N LYS A 158 16.64 -5.96 -5.97
CA LYS A 158 16.93 -5.60 -4.58
C LYS A 158 16.26 -4.27 -4.25
N LEU A 159 15.63 -4.21 -3.09
CA LEU A 159 14.96 -2.98 -2.65
C LEU A 159 15.80 -2.25 -1.61
N ASN A 160 16.08 -0.98 -1.86
CA ASN A 160 16.91 -0.15 -0.99
C ASN A 160 16.08 0.73 -0.08
N LYS A 161 16.48 0.84 1.18
CA LYS A 161 15.76 1.70 2.10
C LYS A 161 15.96 3.18 1.75
N TRP A 162 14.97 3.99 2.11
CA TRP A 162 14.94 5.42 1.81
C TRP A 162 16.13 6.11 2.46
C4 DX4 B . 4.80 3.70 -9.31
C5 DX4 B . 3.79 3.86 -8.24
C6 DX4 B . 4.18 3.52 -6.87
C8 DX4 B . 2.94 4.45 -10.16
N1 DX4 B . 5.46 3.09 -6.72
N2 DX4 B . 7.60 2.53 -7.46
N3 DX4 B . 6.04 3.27 -9.02
C2 DX4 B . 6.34 2.97 -7.74
N9 DX4 B . 4.22 4.09 -10.44
N7 DX4 B . 2.67 4.31 -8.83
S6 DX4 B . 3.15 3.64 -5.64
PG APC C . -2.24 0.20 -9.55
O1G APC C . -1.77 -0.49 -10.81
O2G APC C . -1.16 0.31 -8.50
O3G APC C . -3.54 -0.33 -9.01
PB APC C . -3.04 2.96 -9.28
O1B APC C . -2.86 2.73 -7.83
O2B APC C . -2.28 4.22 -9.85
O3B APC C . -2.52 1.67 -10.10
PA APC C . -5.57 4.55 -8.94
O1A APC C . -4.83 4.99 -7.73
O2A APC C . -5.73 5.66 -10.06
C3A APC C . -4.81 3.06 -9.65
O5' APC C . -7.01 4.12 -8.37
C5' APC C . -8.11 3.96 -9.25
C4' APC C . -9.26 3.27 -8.53
O4' APC C . -8.92 1.97 -8.08
C3' APC C . -9.76 3.92 -7.25
O3' APC C . -10.60 5.04 -7.51
C2' APC C . -10.50 2.78 -6.54
O2' APC C . -11.91 2.87 -6.74
C1' APC C . -10.03 1.54 -7.27
N9 APC C . -9.53 0.38 -6.50
C8 APC C . -9.83 -0.89 -6.85
N7 APC C . -9.23 -1.78 -6.02
C5 APC C . -8.53 -1.04 -5.15
C6 APC C . -7.66 -1.37 -4.03
N6 APC C . -7.43 -2.65 -3.70
N1 APC C . -7.10 -0.36 -3.34
C2 APC C . -7.32 0.93 -3.67
N3 APC C . -8.11 1.32 -4.69
C4 APC C . -8.72 0.39 -5.45
CA CA D . -4.10 3.59 -5.98
CA CA E . -0.88 1.83 -6.80
CA CA F . -8.28 4.50 14.70
C1 GOL G . -3.27 2.99 -13.95
O1 GOL G . -3.58 4.17 -14.66
C2 GOL G . -4.55 2.21 -13.69
O2 GOL G . -5.30 2.12 -14.88
C3 GOL G . -4.21 0.81 -13.21
O3 GOL G . -5.34 0.27 -12.55
C1 GOL H . -5.91 -1.59 -7.56
O1 GOL H . -5.29 -0.43 -7.04
C2 GOL H . -7.05 -1.28 -8.53
O2 GOL H . -7.48 -2.45 -9.19
C3 GOL H . -6.73 -0.16 -9.52
O3 GOL H . -5.80 -0.59 -10.49
#